data_1B7H
#
_entry.id   1B7H
#
_cell.length_a   104.013
_cell.length_b   74.078
_cell.length_c   69.610
_cell.angle_alpha   90.00
_cell.angle_beta   90.00
_cell.angle_gamma   90.00
#
_symmetry.space_group_name_H-M   'P 21 21 2 A'
#
loop_
_entity.id
_entity.type
_entity.pdbx_description
1 polymer 'Periplasmic oligopeptide-binding protein'
2 polymer 'LYS-NLE-LYS PEPTIDE'
3 non-polymer 'URANIUM ATOM'
4 water water
#
loop_
_entity_poly.entity_id
_entity_poly.type
_entity_poly.pdbx_seq_one_letter_code
_entity_poly.pdbx_strand_id
1 'polypeptide(L)'
;ADVPAGVQLADKQTLVRNNGSEVQSLDPHKIEGVPESNVSRDLFEGLLISDVEGHPSPGVAEKWENKDFKVWTFHLRENA
KWSDGTPVTAHDFVYSWQRLADPNTASPYASYLQYGHIANIDDIIAGKKPATDLGVKALDDHTFEVTLSEPVPYFYKLLV
HPSVSPVPKSAVEKFGDKWTQPANIVTNGAYKLKNWVVNERIVLERNPQYWDNAKTVINQVTYLPISSEVTDVNRYRSGE
IDMTYNNMPIELFQKLKKEIPNEVRVDPYLCTYYYEINNQKAPFNDVRVRTALKLALDRDIIVNKVKNQGDLPAYSYTPP
YTDGAKLVEPEWFKWSQQKRNEEAKKLLAEAGFTADKPLTFDLLYNTSDLHKKLAIAVASIWKKNLGVNVNLENQEWKTF
LDTRHQGTFDVARAGWCADYNEPTSFLNTMLSDSSNNTAHYKSPAFDKLIADTLKVADDTQRSELYAKAEQQLDKDSAIV
PVYYYVNARLVKPWVGGYTGKDPLDNIYVKNLYIIKH
;
A
2 'polypeptide(L)' K(NLE)K B
#
loop_
_chem_comp.id
_chem_comp.type
_chem_comp.name
_chem_comp.formula
U1 non-polymer 'URANIUM ATOM' U
#
# COMPACT_ATOMS: atom_id res chain seq x y z
N ALA A 1 -10.40 5.59 20.49
CA ALA A 1 -9.27 6.43 20.98
C ALA A 1 -9.07 6.24 22.50
N ASP A 2 -7.82 6.36 22.92
CA ASP A 2 -7.49 6.25 24.34
C ASP A 2 -6.88 7.58 24.77
N VAL A 3 -7.75 8.50 25.19
CA VAL A 3 -7.23 9.83 25.56
C VAL A 3 -6.52 9.73 26.91
N PRO A 4 -5.35 10.32 27.04
CA PRO A 4 -4.56 10.32 28.26
C PRO A 4 -5.26 11.08 29.38
N ALA A 5 -5.43 10.38 30.51
CA ALA A 5 -6.06 11.04 31.66
C ALA A 5 -5.20 12.29 31.92
N GLY A 6 -5.83 13.45 31.96
CA GLY A 6 -5.12 14.69 32.17
C GLY A 6 -5.31 15.65 31.00
N VAL A 7 -5.39 15.07 29.79
CA VAL A 7 -5.59 15.95 28.64
C VAL A 7 -7.06 16.37 28.60
N GLN A 8 -7.24 17.63 28.24
CA GLN A 8 -8.51 18.25 28.03
C GLN A 8 -8.85 18.23 26.53
N LEU A 9 -10.07 17.83 26.14
CA LEU A 9 -10.34 17.86 24.69
C LEU A 9 -10.98 19.16 24.22
N ALA A 10 -10.72 19.54 22.97
CA ALA A 10 -11.31 20.70 22.34
C ALA A 10 -12.81 20.45 22.20
N ASP A 11 -13.51 21.56 21.95
CA ASP A 11 -14.95 21.56 21.83
C ASP A 11 -15.44 20.93 20.53
N LYS A 12 -14.83 21.41 19.47
CA LYS A 12 -15.16 20.96 18.10
C LYS A 12 -14.18 19.82 17.82
N GLN A 13 -14.68 18.63 17.62
CA GLN A 13 -13.77 17.47 17.37
C GLN A 13 -13.85 17.15 15.88
N THR A 14 -13.20 17.96 15.10
CA THR A 14 -13.13 17.94 13.65
C THR A 14 -11.64 17.92 13.26
N LEU A 15 -11.38 17.21 12.16
CA LEU A 15 -10.02 16.97 11.70
C LEU A 15 -10.01 17.13 10.19
N VAL A 16 -8.91 17.69 9.67
CA VAL A 16 -8.79 17.83 8.22
C VAL A 16 -7.44 17.18 7.87
N ARG A 17 -7.52 16.20 7.00
CA ARG A 17 -6.32 15.54 6.48
C ARG A 17 -6.20 15.59 4.96
N ASN A 18 -4.96 15.84 4.53
CA ASN A 18 -4.72 15.74 3.08
C ASN A 18 -4.55 14.24 2.76
N ASN A 19 -4.97 13.81 1.58
CA ASN A 19 -4.95 12.41 1.23
C ASN A 19 -4.20 12.14 -0.05
N GLY A 20 -3.36 13.06 -0.52
CA GLY A 20 -2.51 12.82 -1.67
C GLY A 20 -3.12 12.90 -3.04
N SER A 21 -4.30 12.37 -3.34
CA SER A 21 -4.93 12.37 -4.61
C SER A 21 -6.37 11.99 -4.43
N GLU A 22 -7.18 12.03 -5.48
CA GLU A 22 -8.56 11.68 -5.53
C GLU A 22 -8.60 10.12 -5.53
N VAL A 23 -9.34 9.51 -4.63
CA VAL A 23 -9.31 8.07 -4.52
C VAL A 23 -9.76 7.44 -5.83
N GLN A 24 -9.32 6.19 -6.07
CA GLN A 24 -9.81 5.47 -7.22
C GLN A 24 -11.32 5.21 -7.00
N SER A 25 -11.69 4.85 -5.79
CA SER A 25 -13.01 4.28 -5.45
C SER A 25 -13.09 4.23 -3.94
N LEU A 26 -14.26 3.93 -3.40
CA LEU A 26 -14.52 3.73 -2.00
C LEU A 26 -14.94 2.26 -1.81
N ASP A 27 -15.03 1.53 -2.94
CA ASP A 27 -15.44 0.11 -2.84
C ASP A 27 -14.22 -0.65 -2.42
N PRO A 28 -14.17 -1.29 -1.27
CA PRO A 28 -13.04 -2.07 -0.80
C PRO A 28 -12.47 -3.06 -1.82
N HIS A 29 -13.29 -3.60 -2.71
CA HIS A 29 -12.85 -4.53 -3.73
C HIS A 29 -12.25 -3.87 -4.95
N LYS A 30 -12.30 -2.55 -5.09
CA LYS A 30 -11.76 -1.90 -6.25
C LYS A 30 -10.55 -1.03 -5.93
N ILE A 31 -10.07 -1.05 -4.69
CA ILE A 31 -8.97 -0.13 -4.37
C ILE A 31 -7.62 -0.82 -4.23
N GLU A 32 -6.51 -0.10 -4.36
CA GLU A 32 -5.21 -0.63 -4.15
C GLU A 32 -4.22 0.34 -3.47
N GLY A 33 -4.56 1.63 -3.29
CA GLY A 33 -3.48 2.50 -2.85
C GLY A 33 -3.61 2.97 -1.43
N VAL A 34 -2.60 3.77 -1.09
CA VAL A 34 -2.56 4.39 0.22
C VAL A 34 -3.69 5.37 0.42
N PRO A 35 -3.97 6.26 -0.49
CA PRO A 35 -5.06 7.26 -0.37
C PRO A 35 -6.37 6.52 -0.16
N GLU A 36 -6.67 5.56 -1.03
CA GLU A 36 -7.86 4.75 -0.92
C GLU A 36 -7.91 4.04 0.44
N SER A 37 -6.82 3.48 0.95
CA SER A 37 -6.92 2.71 2.19
C SER A 37 -7.00 3.64 3.41
N ASN A 38 -6.53 4.88 3.28
CA ASN A 38 -6.69 5.81 4.42
C ASN A 38 -8.18 6.07 4.66
N VAL A 39 -8.92 6.24 3.57
CA VAL A 39 -10.35 6.41 3.73
C VAL A 39 -11.04 5.13 4.17
N SER A 40 -10.70 4.05 3.54
CA SER A 40 -11.28 2.74 3.78
C SER A 40 -11.19 2.30 5.21
N ARG A 41 -10.11 2.52 5.97
CA ARG A 41 -10.06 2.16 7.39
C ARG A 41 -11.07 2.93 8.26
N ASP A 42 -11.48 4.13 7.91
CA ASP A 42 -12.49 4.82 8.71
C ASP A 42 -13.90 4.33 8.34
N LEU A 43 -14.10 3.82 7.11
CA LEU A 43 -15.42 3.34 6.70
C LEU A 43 -15.73 1.87 6.83
N PHE A 44 -14.80 0.97 6.53
CA PHE A 44 -15.14 -0.45 6.50
C PHE A 44 -14.23 -1.15 7.50
N GLU A 45 -14.76 -2.07 8.27
CA GLU A 45 -13.95 -2.74 9.27
C GLU A 45 -14.01 -4.26 9.04
N GLY A 46 -12.89 -4.89 8.86
CA GLY A 46 -12.79 -6.34 8.67
C GLY A 46 -12.67 -7.05 10.02
N LEU A 47 -12.25 -8.30 10.01
CA LEU A 47 -12.11 -9.15 11.18
C LEU A 47 -11.15 -8.59 12.21
N LEU A 48 -9.99 -8.12 11.76
CA LEU A 48 -8.99 -7.55 12.67
C LEU A 48 -8.67 -6.13 12.17
N ILE A 49 -8.19 -5.30 13.10
CA ILE A 49 -7.74 -3.97 12.83
C ILE A 49 -6.37 -3.82 13.52
N SER A 50 -5.61 -2.79 13.18
CA SER A 50 -4.35 -2.47 13.81
C SER A 50 -4.63 -1.56 15.06
N ASP A 51 -3.82 -1.80 16.09
CA ASP A 51 -3.93 -0.86 17.22
C ASP A 51 -2.98 0.26 16.88
N VAL A 52 -2.83 1.31 17.70
CA VAL A 52 -1.95 2.43 17.48
C VAL A 52 -0.48 2.09 17.39
N GLU A 53 -0.03 0.89 17.74
CA GLU A 53 1.36 0.51 17.48
C GLU A 53 1.48 -0.47 16.31
N GLY A 54 0.38 -0.63 15.56
CA GLY A 54 0.46 -1.52 14.42
C GLY A 54 0.22 -2.98 14.64
N HIS A 55 -0.18 -3.41 15.84
CA HIS A 55 -0.40 -4.82 16.07
C HIS A 55 -1.81 -5.21 15.71
N PRO A 56 -1.95 -6.41 15.22
CA PRO A 56 -3.26 -6.94 14.91
C PRO A 56 -4.04 -6.99 16.22
N SER A 57 -5.28 -6.55 16.21
CA SER A 57 -6.19 -6.41 17.31
C SER A 57 -7.58 -6.80 16.81
N PRO A 58 -8.52 -6.87 17.73
CA PRO A 58 -9.91 -7.21 17.48
C PRO A 58 -10.61 -6.17 16.64
N GLY A 59 -11.29 -6.64 15.58
CA GLY A 59 -12.06 -5.69 14.71
C GLY A 59 -13.51 -6.16 14.85
N VAL A 60 -14.10 -6.70 13.77
CA VAL A 60 -15.43 -7.29 13.94
C VAL A 60 -15.28 -8.56 14.79
N ALA A 61 -14.14 -9.23 14.68
CA ALA A 61 -13.84 -10.43 15.40
C ALA A 61 -13.28 -10.05 16.77
N GLU A 62 -14.01 -10.43 17.83
CA GLU A 62 -13.56 -10.06 19.17
C GLU A 62 -12.58 -11.11 19.69
N LYS A 63 -12.67 -12.34 19.18
CA LYS A 63 -11.66 -13.34 19.48
C LYS A 63 -11.56 -14.43 18.40
N TRP A 64 -10.36 -15.01 18.23
CA TRP A 64 -10.19 -16.04 17.22
C TRP A 64 -9.21 -17.16 17.59
N GLU A 65 -9.22 -18.28 16.87
CA GLU A 65 -8.29 -19.37 17.05
C GLU A 65 -7.82 -19.95 15.71
N ASN A 66 -6.84 -20.84 15.75
CA ASN A 66 -6.43 -21.56 14.54
C ASN A 66 -6.11 -23.03 14.81
N LYS A 67 -6.31 -23.88 13.84
CA LYS A 67 -5.96 -25.27 13.88
C LYS A 67 -4.81 -25.50 12.89
N ASP A 68 -3.61 -25.74 13.39
CA ASP A 68 -2.40 -26.01 12.66
C ASP A 68 -2.00 -24.87 11.71
N PHE A 69 -2.53 -23.67 11.90
CA PHE A 69 -2.36 -22.46 11.11
C PHE A 69 -3.04 -22.62 9.76
N LYS A 70 -3.90 -23.62 9.72
CA LYS A 70 -4.55 -23.95 8.44
C LYS A 70 -6.03 -23.68 8.46
N VAL A 71 -6.66 -23.72 9.63
CA VAL A 71 -8.10 -23.48 9.81
C VAL A 71 -8.27 -22.43 10.89
N TRP A 72 -8.78 -21.26 10.51
CA TRP A 72 -8.95 -20.13 11.35
C TRP A 72 -10.43 -19.93 11.68
N THR A 73 -10.69 -19.77 12.97
CA THR A 73 -12.06 -19.55 13.41
C THR A 73 -12.18 -18.21 14.13
N PHE A 74 -13.02 -17.37 13.58
CA PHE A 74 -13.28 -16.02 14.02
C PHE A 74 -14.66 -15.87 14.69
N HIS A 75 -14.58 -15.41 15.92
CA HIS A 75 -15.79 -15.19 16.69
C HIS A 75 -16.18 -13.71 16.63
N LEU A 76 -17.20 -13.48 15.85
CA LEU A 76 -17.72 -12.13 15.64
C LEU A 76 -18.50 -11.62 16.82
N ARG A 77 -18.27 -10.38 17.23
CA ARG A 77 -18.95 -9.75 18.34
C ARG A 77 -20.43 -9.64 18.02
N GLU A 78 -21.26 -9.93 19.03
CA GLU A 78 -22.70 -9.91 18.83
C GLU A 78 -23.26 -8.54 18.51
N ASN A 79 -22.64 -7.42 18.84
CA ASN A 79 -23.16 -6.11 18.49
C ASN A 79 -22.60 -5.41 17.27
N ALA A 80 -21.83 -6.04 16.38
CA ALA A 80 -21.33 -5.39 15.19
C ALA A 80 -22.48 -5.07 14.24
N LYS A 81 -22.51 -3.82 13.75
CA LYS A 81 -23.55 -3.38 12.87
C LYS A 81 -23.04 -2.56 11.72
N TRP A 82 -23.91 -2.40 10.74
CA TRP A 82 -23.74 -1.56 9.56
C TRP A 82 -24.28 -0.18 9.88
N SER A 83 -23.95 0.86 9.13
CA SER A 83 -24.41 2.21 9.43
C SER A 83 -25.94 2.32 9.37
N ASP A 84 -26.68 1.40 8.79
CA ASP A 84 -28.12 1.35 8.67
C ASP A 84 -28.76 0.62 9.85
N GLY A 85 -27.98 0.25 10.86
CA GLY A 85 -28.45 -0.47 12.03
C GLY A 85 -28.55 -1.98 11.86
N THR A 86 -28.35 -2.52 10.65
CA THR A 86 -28.41 -3.98 10.47
C THR A 86 -27.17 -4.66 11.03
N PRO A 87 -27.32 -5.91 11.39
CA PRO A 87 -26.28 -6.72 12.01
C PRO A 87 -25.20 -7.13 11.01
N VAL A 88 -23.95 -7.17 11.45
CA VAL A 88 -22.85 -7.61 10.59
C VAL A 88 -22.67 -9.09 11.00
N THR A 89 -22.84 -9.98 10.00
CA THR A 89 -22.71 -11.39 10.34
C THR A 89 -21.55 -12.04 9.63
N ALA A 90 -21.34 -13.32 9.99
CA ALA A 90 -20.30 -14.10 9.30
C ALA A 90 -20.72 -14.29 7.85
N HIS A 91 -22.02 -14.20 7.49
CA HIS A 91 -22.48 -14.22 6.14
C HIS A 91 -21.97 -12.99 5.37
N ASP A 92 -21.79 -11.83 6.03
CA ASP A 92 -21.31 -10.70 5.19
C ASP A 92 -19.86 -10.98 4.72
N PHE A 93 -19.06 -11.63 5.50
CA PHE A 93 -17.65 -11.96 5.27
C PHE A 93 -17.58 -13.01 4.18
N VAL A 94 -18.51 -13.99 4.29
CA VAL A 94 -18.61 -14.98 3.21
C VAL A 94 -18.86 -14.34 1.86
N TYR A 95 -19.93 -13.56 1.75
CA TYR A 95 -20.28 -12.89 0.51
C TYR A 95 -19.13 -11.99 0.07
N SER A 96 -18.55 -11.22 1.04
CA SER A 96 -17.53 -10.25 0.56
C SER A 96 -16.29 -10.93 -0.02
N TRP A 97 -15.77 -11.93 0.64
CA TRP A 97 -14.53 -12.59 0.16
C TRP A 97 -14.84 -13.31 -1.14
N GLN A 98 -16.03 -13.88 -1.31
CA GLN A 98 -16.43 -14.45 -2.60
C GLN A 98 -16.46 -13.38 -3.68
N ARG A 99 -17.00 -12.16 -3.43
CA ARG A 99 -16.98 -11.07 -4.38
C ARG A 99 -15.53 -10.61 -4.68
N LEU A 100 -14.69 -10.60 -3.62
CA LEU A 100 -13.26 -10.25 -3.92
C LEU A 100 -12.65 -11.29 -4.87
N ALA A 101 -12.92 -12.58 -4.57
CA ALA A 101 -12.32 -13.65 -5.37
C ALA A 101 -12.85 -13.71 -6.79
N ASP A 102 -14.15 -13.41 -6.95
CA ASP A 102 -14.74 -13.44 -8.32
C ASP A 102 -14.03 -12.66 -9.36
N PRO A 103 -13.59 -13.22 -10.50
CA PRO A 103 -12.98 -12.55 -11.60
C PRO A 103 -13.87 -11.46 -12.19
N ASN A 104 -15.17 -11.55 -12.01
CA ASN A 104 -16.07 -10.53 -12.58
C ASN A 104 -15.89 -9.21 -11.79
N THR A 105 -15.52 -9.28 -10.51
CA THR A 105 -15.21 -8.02 -9.79
C THR A 105 -13.93 -7.35 -10.29
N ALA A 106 -12.98 -8.08 -10.89
CA ALA A 106 -11.74 -7.50 -11.40
C ALA A 106 -10.97 -6.72 -10.33
N SER A 107 -10.93 -7.21 -9.09
CA SER A 107 -10.24 -6.39 -8.06
C SER A 107 -8.76 -6.44 -8.36
N PRO A 108 -8.07 -5.32 -8.15
CA PRO A 108 -6.63 -5.33 -8.18
C PRO A 108 -6.09 -6.20 -7.02
N TYR A 109 -6.81 -6.42 -5.94
CA TYR A 109 -6.41 -7.24 -4.84
C TYR A 109 -7.09 -8.60 -4.80
N ALA A 110 -7.57 -9.13 -5.93
CA ALA A 110 -8.13 -10.48 -5.96
C ALA A 110 -7.11 -11.49 -5.42
N SER A 111 -5.83 -11.32 -5.77
CA SER A 111 -4.77 -12.14 -5.27
C SER A 111 -4.50 -11.98 -3.79
N TYR A 112 -5.18 -11.13 -3.03
CA TYR A 112 -4.86 -11.12 -1.59
C TYR A 112 -5.32 -12.46 -0.98
N LEU A 113 -6.43 -13.05 -1.54
CA LEU A 113 -6.91 -14.34 -1.08
C LEU A 113 -5.96 -15.45 -1.49
N GLN A 114 -5.14 -15.31 -2.51
CA GLN A 114 -4.03 -16.21 -2.91
C GLN A 114 -2.89 -16.09 -1.90
N TYR A 115 -2.56 -14.87 -1.47
CA TYR A 115 -1.53 -14.63 -0.45
C TYR A 115 -1.88 -15.28 0.88
N GLY A 116 -3.21 -15.38 1.14
CA GLY A 116 -3.66 -15.99 2.35
C GLY A 116 -3.84 -17.50 2.11
N HIS A 117 -3.70 -17.93 0.85
CA HIS A 117 -3.75 -19.38 0.57
C HIS A 117 -5.08 -19.99 0.95
N ILE A 118 -6.16 -19.22 0.78
CA ILE A 118 -7.49 -19.72 1.14
C ILE A 118 -7.81 -20.86 0.15
N ALA A 119 -8.41 -21.94 0.64
CA ALA A 119 -8.69 -23.02 -0.31
C ALA A 119 -9.50 -22.59 -1.52
N ASN A 120 -9.11 -23.14 -2.66
CA ASN A 120 -9.74 -23.01 -3.96
C ASN A 120 -9.59 -21.68 -4.67
N ILE A 121 -8.91 -20.66 -4.09
CA ILE A 121 -8.73 -19.39 -4.76
C ILE A 121 -8.15 -19.47 -6.16
N ASP A 122 -7.15 -20.32 -6.43
CA ASP A 122 -6.53 -20.29 -7.77
C ASP A 122 -7.51 -20.66 -8.87
N ASP A 123 -8.31 -21.71 -8.64
CA ASP A 123 -9.27 -22.06 -9.71
C ASP A 123 -10.35 -21.00 -9.76
N ILE A 124 -10.74 -20.49 -8.58
CA ILE A 124 -11.77 -19.43 -8.62
C ILE A 124 -11.19 -18.29 -9.44
N ILE A 125 -9.94 -17.87 -9.13
CA ILE A 125 -9.33 -16.75 -9.86
C ILE A 125 -9.29 -17.08 -11.34
N ALA A 126 -8.92 -18.31 -11.70
CA ALA A 126 -8.85 -18.73 -13.08
C ALA A 126 -10.21 -19.01 -13.71
N GLY A 127 -11.31 -18.97 -12.99
CA GLY A 127 -12.64 -19.19 -13.52
C GLY A 127 -12.87 -20.67 -13.80
N LYS A 128 -12.32 -21.54 -12.98
CA LYS A 128 -12.43 -22.98 -13.15
C LYS A 128 -13.39 -23.54 -12.12
N LYS A 129 -13.52 -22.79 -11.03
CA LYS A 129 -14.40 -22.96 -9.91
C LYS A 129 -15.11 -21.63 -9.66
N PRO A 130 -16.35 -21.73 -9.26
CA PRO A 130 -17.20 -20.60 -8.96
C PRO A 130 -16.82 -20.09 -7.58
N ALA A 131 -16.96 -18.79 -7.34
CA ALA A 131 -16.54 -18.17 -6.08
C ALA A 131 -17.16 -18.79 -4.84
N THR A 132 -18.32 -19.43 -4.91
CA THR A 132 -18.98 -20.16 -3.85
C THR A 132 -18.17 -21.32 -3.32
N ASP A 133 -17.20 -21.82 -4.04
CA ASP A 133 -16.26 -22.84 -3.56
C ASP A 133 -15.15 -22.34 -2.63
N LEU A 134 -14.91 -21.05 -2.55
CA LEU A 134 -13.87 -20.50 -1.66
C LEU A 134 -13.93 -21.14 -0.31
N GLY A 135 -12.78 -21.39 0.30
CA GLY A 135 -12.68 -21.96 1.62
C GLY A 135 -13.07 -21.07 2.78
N VAL A 136 -14.30 -20.47 2.78
CA VAL A 136 -14.75 -19.72 3.93
C VAL A 136 -16.14 -20.28 4.32
N LYS A 137 -16.58 -20.12 5.57
CA LYS A 137 -17.97 -20.55 5.80
C LYS A 137 -18.49 -19.87 7.05
N ALA A 138 -19.78 -19.63 7.04
CA ALA A 138 -20.44 -19.07 8.22
C ALA A 138 -21.00 -20.31 8.95
N LEU A 139 -20.39 -20.59 10.08
CA LEU A 139 -20.77 -21.74 10.89
C LEU A 139 -22.08 -21.41 11.62
N ASP A 140 -22.18 -20.16 12.02
CA ASP A 140 -23.39 -19.58 12.55
C ASP A 140 -23.24 -18.09 12.23
N ASP A 141 -24.26 -17.30 12.52
CA ASP A 141 -24.24 -15.87 12.31
C ASP A 141 -22.99 -15.18 12.82
N HIS A 142 -22.40 -15.63 13.91
CA HIS A 142 -21.24 -14.97 14.53
C HIS A 142 -19.97 -15.79 14.48
N THR A 143 -19.92 -16.77 13.61
CA THR A 143 -18.73 -17.66 13.52
C THR A 143 -18.34 -17.84 12.08
N PHE A 144 -17.16 -17.26 11.77
CA PHE A 144 -16.61 -17.27 10.42
C PHE A 144 -15.34 -18.15 10.38
N GLU A 145 -15.44 -19.12 9.49
CA GLU A 145 -14.29 -20.07 9.45
C GLU A 145 -13.62 -20.08 8.08
N VAL A 146 -12.29 -20.00 8.17
CA VAL A 146 -11.54 -20.01 6.90
C VAL A 146 -10.66 -21.25 6.83
N THR A 147 -10.59 -21.94 5.71
CA THR A 147 -9.69 -23.09 5.57
C THR A 147 -8.66 -22.80 4.48
N LEU A 148 -7.39 -22.97 4.85
CA LEU A 148 -6.30 -22.68 3.89
C LEU A 148 -5.63 -23.94 3.40
N SER A 149 -5.12 -23.84 2.20
CA SER A 149 -4.41 -24.96 1.58
C SER A 149 -3.05 -25.13 2.20
N GLU A 150 -2.41 -24.19 2.92
CA GLU A 150 -1.17 -24.52 3.62
C GLU A 150 -1.33 -23.81 4.95
N PRO A 151 -0.59 -24.23 5.94
CA PRO A 151 -0.47 -23.50 7.16
C PRO A 151 0.09 -22.11 6.78
N VAL A 152 -0.47 -21.06 7.33
CA VAL A 152 0.01 -19.67 7.07
C VAL A 152 0.04 -19.01 8.42
N PRO A 153 1.14 -19.09 9.16
CA PRO A 153 1.29 -18.58 10.50
C PRO A 153 0.91 -17.13 10.68
N TYR A 154 1.20 -16.31 9.65
CA TYR A 154 0.93 -14.86 9.73
C TYR A 154 -0.44 -14.50 9.12
N PHE A 155 -1.32 -15.48 8.90
CA PHE A 155 -2.62 -15.27 8.30
C PHE A 155 -3.40 -14.13 8.92
N TYR A 156 -3.48 -14.10 10.25
CA TYR A 156 -4.23 -13.06 10.95
C TYR A 156 -3.66 -11.67 10.63
N LYS A 157 -2.37 -11.48 10.39
CA LYS A 157 -1.78 -10.16 10.10
C LYS A 157 -2.33 -9.58 8.79
N LEU A 158 -2.68 -10.47 7.86
CA LEU A 158 -3.24 -10.06 6.59
C LEU A 158 -4.58 -9.36 6.73
N LEU A 159 -5.36 -9.77 7.70
CA LEU A 159 -6.74 -9.33 7.81
C LEU A 159 -7.03 -7.89 8.08
N VAL A 160 -6.15 -6.99 8.45
CA VAL A 160 -6.52 -5.58 8.67
C VAL A 160 -6.62 -4.78 7.36
N HIS A 161 -6.37 -5.42 6.22
CA HIS A 161 -6.32 -4.77 4.92
C HIS A 161 -7.69 -4.58 4.35
N PRO A 162 -7.93 -3.45 3.71
CA PRO A 162 -9.25 -3.09 3.21
C PRO A 162 -9.86 -4.15 2.29
N SER A 163 -9.08 -4.92 1.53
CA SER A 163 -9.78 -5.80 0.56
C SER A 163 -10.52 -6.93 1.26
N VAL A 164 -10.11 -7.27 2.51
CA VAL A 164 -10.84 -8.29 3.25
C VAL A 164 -11.86 -7.62 4.19
N SER A 165 -12.18 -6.35 4.03
CA SER A 165 -13.30 -5.76 4.83
C SER A 165 -14.61 -6.17 4.16
N PRO A 166 -15.68 -6.20 4.92
CA PRO A 166 -16.98 -6.60 4.39
C PRO A 166 -17.57 -5.49 3.54
N VAL A 167 -18.42 -5.78 2.60
CA VAL A 167 -19.14 -4.85 1.76
C VAL A 167 -20.63 -5.28 1.93
N PRO A 168 -21.51 -4.31 1.89
CA PRO A 168 -22.94 -4.52 2.16
C PRO A 168 -23.64 -5.02 0.87
N LYS A 169 -23.97 -6.30 0.88
CA LYS A 169 -24.66 -6.93 -0.26
C LYS A 169 -25.93 -6.22 -0.67
N SER A 170 -26.78 -5.75 0.23
CA SER A 170 -28.06 -5.14 -0.18
C SER A 170 -27.80 -3.94 -1.06
N ALA A 171 -26.90 -3.07 -0.57
CA ALA A 171 -26.50 -1.87 -1.30
C ALA A 171 -25.83 -2.21 -2.63
N VAL A 172 -24.85 -3.14 -2.57
CA VAL A 172 -24.13 -3.56 -3.78
C VAL A 172 -25.07 -4.15 -4.85
N GLU A 173 -25.96 -5.02 -4.48
CA GLU A 173 -26.91 -5.61 -5.44
C GLU A 173 -27.97 -4.66 -5.93
N LYS A 174 -28.49 -3.77 -5.08
CA LYS A 174 -29.50 -2.78 -5.50
C LYS A 174 -28.94 -1.62 -6.28
N PHE A 175 -27.77 -1.04 -5.93
CA PHE A 175 -27.23 0.10 -6.62
C PHE A 175 -26.06 -0.13 -7.56
N GLY A 176 -25.54 -1.35 -7.68
CA GLY A 176 -24.46 -1.61 -8.62
C GLY A 176 -23.25 -0.73 -8.37
N ASP A 177 -22.65 -0.17 -9.43
CA ASP A 177 -21.49 0.70 -9.28
C ASP A 177 -21.79 2.11 -8.73
N LYS A 178 -23.01 2.33 -8.24
CA LYS A 178 -23.37 3.55 -7.59
C LYS A 178 -23.58 3.26 -6.10
N TRP A 179 -23.19 2.08 -5.59
CA TRP A 179 -23.42 1.76 -4.18
C TRP A 179 -22.66 2.62 -3.18
N THR A 180 -21.53 3.16 -3.60
CA THR A 180 -20.63 4.01 -2.84
C THR A 180 -20.97 5.49 -2.87
N GLN A 181 -21.92 5.92 -3.69
CA GLN A 181 -22.38 7.33 -3.58
C GLN A 181 -22.96 7.48 -2.17
N PRO A 182 -22.89 8.67 -1.62
CA PRO A 182 -23.33 9.00 -0.29
C PRO A 182 -24.76 8.64 0.10
N ALA A 183 -25.67 8.81 -0.85
CA ALA A 183 -27.08 8.49 -0.61
C ALA A 183 -27.30 6.99 -0.60
N ASN A 184 -26.33 6.22 -1.12
CA ASN A 184 -26.48 4.77 -1.16
C ASN A 184 -25.60 3.93 -0.25
N ILE A 185 -24.38 4.36 0.05
CA ILE A 185 -23.39 3.55 0.76
C ILE A 185 -23.85 3.11 2.11
N VAL A 186 -23.45 1.94 2.59
CA VAL A 186 -23.74 1.39 3.90
C VAL A 186 -22.37 0.97 4.49
N THR A 187 -21.96 1.46 5.65
CA THR A 187 -20.59 1.13 6.10
C THR A 187 -20.54 0.58 7.50
N ASN A 188 -19.40 0.04 7.95
CA ASN A 188 -19.36 -0.54 9.27
C ASN A 188 -18.21 -0.07 10.14
N GLY A 189 -17.40 0.85 9.68
CA GLY A 189 -16.28 1.29 10.50
C GLY A 189 -16.76 2.39 11.47
N ALA A 190 -15.82 3.06 12.08
CA ALA A 190 -16.17 4.11 13.06
C ALA A 190 -16.90 5.28 12.43
N TYR A 191 -16.74 5.55 11.14
CA TYR A 191 -17.34 6.64 10.39
C TYR A 191 -18.24 6.19 9.24
N LYS A 192 -19.02 7.13 8.74
CA LYS A 192 -19.95 6.92 7.64
C LYS A 192 -19.76 8.10 6.68
N LEU A 193 -20.06 7.92 5.40
CA LEU A 193 -19.72 8.91 4.39
C LEU A 193 -20.73 10.04 4.46
N LYS A 194 -20.25 11.26 4.64
CA LYS A 194 -21.32 12.32 4.68
C LYS A 194 -21.33 13.00 3.33
N ASN A 195 -20.16 13.35 2.81
CA ASN A 195 -20.08 14.04 1.53
C ASN A 195 -18.88 13.54 0.68
N TRP A 196 -19.01 13.66 -0.64
CA TRP A 196 -17.94 13.30 -1.58
C TRP A 196 -18.13 14.20 -2.79
N VAL A 197 -17.28 15.19 -2.96
CA VAL A 197 -17.27 16.00 -4.17
C VAL A 197 -15.89 15.73 -4.82
N VAL A 198 -15.99 15.11 -5.98
CA VAL A 198 -14.84 14.71 -6.77
C VAL A 198 -13.88 15.86 -6.98
N ASN A 199 -12.63 15.56 -6.61
CA ASN A 199 -11.51 16.46 -6.66
C ASN A 199 -11.59 17.61 -5.68
N GLU A 200 -12.51 17.57 -4.70
CA GLU A 200 -12.50 18.62 -3.69
C GLU A 200 -12.38 18.06 -2.28
N ARG A 201 -13.23 17.14 -1.87
CA ARG A 201 -13.16 16.66 -0.50
C ARG A 201 -14.01 15.41 -0.33
N ILE A 202 -13.70 14.65 0.73
CA ILE A 202 -14.51 13.54 1.16
C ILE A 202 -14.79 13.91 2.61
N VAL A 203 -16.02 13.88 3.07
CA VAL A 203 -16.29 14.25 4.47
C VAL A 203 -16.94 13.02 5.10
N LEU A 204 -16.32 12.60 6.18
CA LEU A 204 -16.84 11.49 6.96
C LEU A 204 -17.39 11.99 8.29
N GLU A 205 -18.48 11.40 8.74
CA GLU A 205 -18.92 11.76 10.12
C GLU A 205 -19.05 10.49 10.95
N ARG A 206 -19.20 10.61 12.27
CA ARG A 206 -19.31 9.51 13.19
C ARG A 206 -20.40 8.53 12.78
N ASN A 207 -20.14 7.24 12.93
CA ASN A 207 -21.17 6.25 12.62
C ASN A 207 -21.66 5.78 13.99
N PRO A 208 -22.87 6.22 14.39
CA PRO A 208 -23.44 5.91 15.68
C PRO A 208 -23.60 4.43 15.95
N GLN A 209 -23.73 3.64 14.87
CA GLN A 209 -23.87 2.21 15.00
C GLN A 209 -22.52 1.50 15.15
N TYR A 210 -21.38 2.20 15.15
CA TYR A 210 -20.14 1.49 15.30
C TYR A 210 -20.13 0.81 16.68
N TRP A 211 -19.71 -0.48 16.74
CA TRP A 211 -19.66 -1.14 18.04
C TRP A 211 -18.77 -0.45 19.06
N ASP A 212 -17.69 0.23 18.69
CA ASP A 212 -16.79 0.91 19.59
C ASP A 212 -17.03 2.43 19.59
N ASN A 213 -18.25 2.79 19.17
CA ASN A 213 -18.58 4.22 19.07
C ASN A 213 -18.34 4.96 20.38
N ALA A 214 -18.50 4.40 21.58
CA ALA A 214 -18.24 5.28 22.74
C ALA A 214 -16.79 5.75 22.79
N LYS A 215 -15.84 5.03 22.17
CA LYS A 215 -14.44 5.43 22.20
C LYS A 215 -14.05 6.27 21.00
N THR A 216 -15.00 6.49 20.07
CA THR A 216 -14.66 7.38 18.95
C THR A 216 -14.69 8.81 19.49
N VAL A 217 -13.68 9.62 19.20
CA VAL A 217 -13.72 11.01 19.66
C VAL A 217 -14.03 12.02 18.57
N ILE A 218 -13.32 11.92 17.44
CA ILE A 218 -13.48 12.82 16.31
C ILE A 218 -14.84 12.62 15.65
N ASN A 219 -15.61 13.73 15.62
CA ASN A 219 -16.99 13.58 15.09
C ASN A 219 -16.99 13.75 13.58
N GLN A 220 -15.97 14.39 13.05
CA GLN A 220 -15.95 14.59 11.58
C GLN A 220 -14.53 14.68 11.03
N VAL A 221 -14.29 14.04 9.86
CA VAL A 221 -12.95 14.16 9.28
C VAL A 221 -13.19 14.41 7.79
N THR A 222 -12.39 15.36 7.30
CA THR A 222 -12.36 15.64 5.88
C THR A 222 -10.97 15.20 5.36
N TYR A 223 -11.00 14.56 4.22
CA TYR A 223 -9.89 14.10 3.45
C TYR A 223 -9.90 14.90 2.12
N LEU A 224 -8.77 15.55 1.88
CA LEU A 224 -8.55 16.34 0.66
C LEU A 224 -7.71 15.49 -0.31
N PRO A 225 -7.84 15.84 -1.56
CA PRO A 225 -7.19 15.12 -2.66
C PRO A 225 -6.04 15.86 -3.30
N ILE A 226 -5.24 16.55 -2.50
CA ILE A 226 -4.22 17.44 -3.08
C ILE A 226 -2.95 16.76 -3.48
N SER A 227 -2.63 16.74 -4.78
CA SER A 227 -1.36 16.08 -5.14
C SER A 227 -0.10 16.89 -5.05
N SER A 228 -0.24 18.22 -5.01
CA SER A 228 0.95 19.08 -4.88
C SER A 228 1.35 19.01 -3.45
N GLU A 229 2.55 18.56 -3.08
CA GLU A 229 2.99 18.47 -1.70
C GLU A 229 3.25 19.91 -1.23
N VAL A 230 3.58 20.79 -2.17
CA VAL A 230 3.73 22.22 -1.78
C VAL A 230 2.41 22.80 -1.30
N THR A 231 1.33 22.65 -2.03
CA THR A 231 0.02 23.17 -1.64
C THR A 231 -0.50 22.53 -0.37
N ASP A 232 -0.21 21.23 -0.18
CA ASP A 232 -0.65 20.54 1.01
C ASP A 232 0.01 21.25 2.18
N VAL A 233 1.34 21.39 2.12
CA VAL A 233 2.03 22.09 3.18
C VAL A 233 1.51 23.52 3.31
N ASN A 234 1.35 24.22 2.21
CA ASN A 234 0.89 25.63 2.35
C ASN A 234 -0.42 25.68 3.12
N ARG A 235 -1.36 24.80 2.78
CA ARG A 235 -2.67 24.78 3.43
C ARG A 235 -2.54 24.33 4.85
N TYR A 236 -1.58 23.46 5.16
CA TYR A 236 -1.32 23.08 6.53
C TYR A 236 -0.89 24.35 7.29
N ARG A 237 0.09 25.09 6.78
CA ARG A 237 0.58 26.28 7.45
C ARG A 237 -0.47 27.37 7.56
N SER A 238 -1.34 27.52 6.56
CA SER A 238 -2.41 28.51 6.66
C SER A 238 -3.47 28.09 7.67
N GLY A 239 -3.41 26.89 8.26
CA GLY A 239 -4.38 26.50 9.27
C GLY A 239 -5.52 25.66 8.74
N GLU A 240 -5.65 25.47 7.44
CA GLU A 240 -6.73 24.68 6.89
C GLU A 240 -6.54 23.17 7.07
N ILE A 241 -5.33 22.64 7.16
CA ILE A 241 -5.12 21.19 7.28
C ILE A 241 -4.45 20.85 8.60
N ASP A 242 -4.86 19.83 9.33
CA ASP A 242 -4.23 19.41 10.56
C ASP A 242 -3.16 18.34 10.32
N MET A 243 -3.37 17.53 9.29
CA MET A 243 -2.42 16.46 8.99
C MET A 243 -2.14 16.43 7.48
N THR A 244 -0.88 16.69 7.13
CA THR A 244 -0.60 16.63 5.70
C THR A 244 -0.58 15.13 5.30
N TYR A 245 -0.68 14.94 3.99
CA TYR A 245 -0.45 13.56 3.47
C TYR A 245 1.03 13.27 3.71
N ASN A 246 1.47 12.01 3.68
CA ASN A 246 2.85 11.70 3.95
C ASN A 246 3.74 11.51 2.73
N ASN A 247 3.89 12.59 1.96
CA ASN A 247 4.77 12.85 0.87
C ASN A 247 5.22 14.29 1.22
N MET A 248 6.51 14.51 1.44
CA MET A 248 6.95 15.88 1.77
C MET A 248 7.59 16.54 0.57
N PRO A 249 7.38 17.82 0.39
CA PRO A 249 7.95 18.58 -0.72
C PRO A 249 9.45 18.66 -0.48
N ILE A 250 10.25 18.60 -1.53
CA ILE A 250 11.70 18.70 -1.35
C ILE A 250 12.01 20.18 -1.11
N GLU A 251 11.35 21.04 -1.89
CA GLU A 251 11.56 22.47 -1.75
C GLU A 251 11.56 22.97 -0.31
N LEU A 252 10.49 22.79 0.43
CA LEU A 252 10.32 23.37 1.76
C LEU A 252 10.66 22.60 3.01
N PHE A 253 11.11 21.35 2.98
CA PHE A 253 11.28 20.55 4.18
C PHE A 253 12.30 21.02 5.21
N GLN A 254 13.43 21.47 4.67
CA GLN A 254 14.51 21.95 5.55
C GLN A 254 13.90 23.16 6.26
N LYS A 255 13.19 24.02 5.52
CA LYS A 255 12.53 25.14 6.18
C LYS A 255 11.62 24.67 7.32
N LEU A 256 10.76 23.69 7.08
CA LEU A 256 9.80 23.23 8.07
C LEU A 256 10.44 22.68 9.33
N LYS A 257 11.47 21.87 9.14
CA LYS A 257 12.15 21.21 10.24
C LYS A 257 12.68 22.26 11.22
N LYS A 258 13.21 23.37 10.71
CA LYS A 258 13.77 24.39 11.57
C LYS A 258 12.68 25.30 12.15
N GLU A 259 11.64 25.57 11.37
CA GLU A 259 10.57 26.43 11.82
C GLU A 259 9.53 25.78 12.70
N ILE A 260 9.26 24.48 12.59
CA ILE A 260 8.27 23.82 13.45
C ILE A 260 8.66 22.36 13.71
N PRO A 261 9.79 22.17 14.34
CA PRO A 261 10.41 20.89 14.62
C PRO A 261 9.48 19.81 15.11
N ASN A 262 8.60 20.15 16.06
CA ASN A 262 7.74 19.15 16.67
C ASN A 262 6.49 18.81 15.88
N GLU A 263 6.30 19.41 14.72
CA GLU A 263 5.13 19.04 13.89
C GLU A 263 5.57 18.14 12.72
N VAL A 264 6.88 18.15 12.48
CA VAL A 264 7.48 17.35 11.40
C VAL A 264 7.65 15.92 11.92
N ARG A 265 6.71 15.04 11.67
CA ARG A 265 6.84 13.65 12.20
C ARG A 265 7.61 12.79 11.21
N VAL A 266 8.66 12.08 11.54
CA VAL A 266 9.51 11.33 10.65
C VAL A 266 9.83 10.02 11.37
N ASP A 267 9.11 8.99 10.89
CA ASP A 267 9.08 7.66 11.53
C ASP A 267 9.32 6.54 10.50
N PRO A 268 9.71 5.38 10.98
CA PRO A 268 10.02 4.23 10.12
C PRO A 268 8.80 3.91 9.29
N TYR A 269 9.02 3.34 8.10
CA TYR A 269 7.88 3.10 7.20
C TYR A 269 8.22 1.96 6.27
N LEU A 270 7.37 0.89 6.26
CA LEU A 270 7.73 -0.24 5.41
C LEU A 270 7.30 -0.06 3.99
N CYS A 271 7.95 0.88 3.30
CA CYS A 271 7.67 1.19 1.93
C CYS A 271 8.94 1.32 1.14
N THR A 272 8.86 1.00 -0.13
CA THR A 272 10.03 1.09 -1.02
C THR A 272 9.66 1.91 -2.24
N TYR A 273 10.50 2.84 -2.60
CA TYR A 273 10.39 3.75 -3.72
C TYR A 273 11.31 3.11 -4.79
N TYR A 274 10.74 2.88 -5.98
CA TYR A 274 11.54 2.24 -7.04
C TYR A 274 11.05 2.72 -8.40
N TYR A 275 11.76 2.42 -9.51
CA TYR A 275 11.26 2.62 -10.85
C TYR A 275 10.76 1.25 -11.33
N GLU A 276 9.51 1.21 -11.62
CA GLU A 276 8.91 -0.04 -12.15
C GLU A 276 9.16 -0.21 -13.65
N ILE A 277 9.75 -1.32 -14.05
CA ILE A 277 10.00 -1.51 -15.48
C ILE A 277 8.92 -2.41 -16.07
N ASN A 278 8.30 -2.05 -17.18
CA ASN A 278 7.36 -2.94 -17.87
C ASN A 278 8.16 -4.07 -18.46
N ASN A 279 8.24 -5.17 -17.68
CA ASN A 279 9.07 -6.31 -18.02
C ASN A 279 8.55 -7.03 -19.29
N GLN A 280 7.29 -6.86 -19.67
CA GLN A 280 6.87 -7.61 -20.88
C GLN A 280 7.07 -6.92 -22.19
N LYS A 281 7.63 -5.71 -22.25
CA LYS A 281 7.78 -5.02 -23.52
C LYS A 281 9.22 -4.76 -23.96
N ALA A 282 9.49 -5.12 -25.21
CA ALA A 282 10.84 -4.82 -25.73
C ALA A 282 11.03 -3.32 -25.65
N PRO A 283 12.19 -2.80 -25.33
CA PRO A 283 13.41 -3.51 -25.02
C PRO A 283 13.62 -3.89 -23.56
N PHE A 284 12.62 -3.77 -22.69
CA PHE A 284 12.63 -4.00 -21.29
C PHE A 284 12.46 -5.47 -20.94
N ASN A 285 12.33 -6.29 -22.01
CA ASN A 285 12.30 -7.73 -21.79
C ASN A 285 13.69 -8.28 -21.87
N ASP A 286 14.73 -7.46 -22.04
CA ASP A 286 16.11 -7.84 -22.08
C ASP A 286 16.68 -7.45 -20.70
N VAL A 287 17.18 -8.41 -19.98
CA VAL A 287 17.76 -8.22 -18.66
C VAL A 287 18.95 -7.30 -18.72
N ARG A 288 19.69 -7.29 -19.85
CA ARG A 288 20.83 -6.34 -19.88
C ARG A 288 20.32 -4.91 -19.79
N VAL A 289 19.25 -4.54 -20.47
CA VAL A 289 18.69 -3.19 -20.47
C VAL A 289 18.22 -2.84 -19.05
N ARG A 290 17.41 -3.73 -18.45
CA ARG A 290 16.93 -3.50 -17.08
C ARG A 290 18.08 -3.32 -16.08
N THR A 291 19.06 -4.25 -16.12
CA THR A 291 20.22 -4.16 -15.24
C THR A 291 21.03 -2.88 -15.42
N ALA A 292 21.28 -2.43 -16.65
CA ALA A 292 21.99 -1.20 -16.88
C ALA A 292 21.22 -0.05 -16.27
N LEU A 293 19.88 0.03 -16.40
CA LEU A 293 19.20 1.15 -15.75
C LEU A 293 19.26 1.08 -14.21
N LYS A 294 19.19 -0.14 -13.73
CA LYS A 294 19.28 -0.31 -12.25
C LYS A 294 20.65 0.19 -11.75
N LEU A 295 21.74 -0.26 -12.35
CA LEU A 295 23.08 0.12 -11.95
C LEU A 295 23.44 1.57 -12.22
N ALA A 296 22.96 2.13 -13.34
CA ALA A 296 23.35 3.52 -13.61
C ALA A 296 22.67 4.55 -12.73
N LEU A 297 21.49 4.28 -12.13
CA LEU A 297 20.88 5.26 -11.26
C LEU A 297 21.78 5.46 -10.02
N ASP A 298 22.03 6.65 -9.55
CA ASP A 298 22.91 6.90 -8.43
C ASP A 298 22.05 7.30 -7.23
N ARG A 299 21.85 6.32 -6.36
CA ARG A 299 20.94 6.45 -5.21
C ARG A 299 21.43 7.47 -4.19
N ASP A 300 22.76 7.56 -4.05
CA ASP A 300 23.37 8.49 -3.08
C ASP A 300 23.02 9.92 -3.50
N ILE A 301 23.22 10.24 -4.78
CA ILE A 301 22.76 11.56 -5.24
C ILE A 301 21.28 11.72 -4.94
N ILE A 302 20.49 10.69 -5.32
CA ILE A 302 19.05 10.88 -5.12
C ILE A 302 18.69 11.09 -3.66
N VAL A 303 19.11 10.16 -2.83
CA VAL A 303 18.73 10.19 -1.41
C VAL A 303 19.41 11.30 -0.63
N ASN A 304 20.73 11.47 -0.77
CA ASN A 304 21.44 12.44 0.04
C ASN A 304 21.59 13.83 -0.53
N LYS A 305 21.57 13.94 -1.86
CA LYS A 305 21.71 15.26 -2.46
C LYS A 305 20.40 15.81 -2.96
N VAL A 306 19.56 15.05 -3.70
CA VAL A 306 18.34 15.71 -4.17
C VAL A 306 17.23 15.74 -3.13
N LYS A 307 17.00 14.69 -2.37
CA LYS A 307 15.92 14.67 -1.40
C LYS A 307 16.36 14.97 0.04
N ASN A 308 17.23 14.13 0.56
CA ASN A 308 17.80 14.33 1.90
C ASN A 308 16.78 14.51 3.00
N GLN A 309 15.90 13.51 3.10
CA GLN A 309 14.88 13.55 4.14
C GLN A 309 15.05 12.34 5.07
N GLY A 310 16.16 11.62 5.03
CA GLY A 310 16.36 10.47 5.91
C GLY A 310 15.98 9.13 5.28
N ASP A 311 15.75 9.11 3.95
CA ASP A 311 15.44 7.86 3.26
C ASP A 311 16.72 7.06 3.14
N LEU A 312 16.72 5.74 3.08
CA LEU A 312 17.92 4.92 2.94
C LEU A 312 17.99 4.40 1.52
N PRO A 313 19.19 4.34 0.97
CA PRO A 313 19.36 3.90 -0.43
C PRO A 313 18.93 2.46 -0.51
N ALA A 314 18.25 2.09 -1.61
CA ALA A 314 17.72 0.71 -1.63
C ALA A 314 18.39 -0.24 -2.56
N TYR A 315 18.48 -1.53 -2.19
CA TYR A 315 19.05 -2.49 -3.10
C TYR A 315 18.13 -3.68 -3.30
N SER A 316 16.96 -3.64 -2.68
CA SER A 316 16.00 -4.71 -2.76
C SER A 316 14.59 -4.13 -2.94
N TYR A 317 13.65 -5.07 -3.03
CA TYR A 317 12.25 -4.66 -3.12
C TYR A 317 11.68 -4.67 -1.69
N THR A 318 11.70 -5.81 -1.05
CA THR A 318 11.23 -5.87 0.36
C THR A 318 12.20 -5.02 1.21
N PRO A 319 11.73 -4.13 2.07
CA PRO A 319 12.60 -3.35 2.93
C PRO A 319 13.29 -4.31 3.88
N PRO A 320 14.60 -4.23 4.05
CA PRO A 320 15.40 -5.10 4.86
C PRO A 320 14.93 -5.08 6.32
N TYR A 321 14.25 -4.04 6.77
CA TYR A 321 13.81 -4.02 8.17
C TYR A 321 12.42 -4.61 8.33
N THR A 322 11.84 -5.16 7.23
CA THR A 322 10.54 -5.84 7.45
C THR A 322 10.78 -6.95 8.43
N ASP A 323 9.78 -7.23 9.27
CA ASP A 323 9.89 -8.33 10.24
C ASP A 323 9.98 -9.66 9.49
N GLY A 324 11.06 -10.39 9.80
CA GLY A 324 11.30 -11.68 9.20
C GLY A 324 12.20 -11.61 7.99
N ALA A 325 12.59 -10.42 7.54
CA ALA A 325 13.52 -10.31 6.42
C ALA A 325 14.95 -10.35 6.95
N LYS A 326 15.81 -11.04 6.24
CA LYS A 326 17.27 -11.11 6.40
C LYS A 326 17.85 -11.23 4.98
N LEU A 327 18.03 -10.09 4.29
CA LEU A 327 18.34 -10.03 2.89
C LEU A 327 19.86 -10.01 2.62
N VAL A 328 20.22 -10.42 1.44
CA VAL A 328 21.63 -10.49 1.10
C VAL A 328 21.92 -9.29 0.21
N GLU A 329 22.88 -8.50 0.67
CA GLU A 329 23.16 -7.31 -0.14
C GLU A 329 23.83 -7.74 -1.43
N PRO A 330 23.42 -7.20 -2.55
CA PRO A 330 23.96 -7.69 -3.83
C PRO A 330 25.32 -7.05 -4.12
N GLU A 331 26.14 -7.74 -4.92
CA GLU A 331 27.45 -7.17 -5.26
C GLU A 331 27.46 -5.81 -5.90
N TRP A 332 26.51 -5.58 -6.84
CA TRP A 332 26.49 -4.28 -7.50
C TRP A 332 26.33 -3.15 -6.53
N PHE A 333 25.68 -3.29 -5.39
CA PHE A 333 25.47 -2.20 -4.44
C PHE A 333 26.72 -1.93 -3.59
N LYS A 334 27.67 -2.78 -3.61
CA LYS A 334 28.94 -2.71 -2.93
C LYS A 334 29.96 -1.94 -3.79
N TRP A 335 29.71 -1.73 -5.07
CA TRP A 335 30.70 -1.05 -5.89
C TRP A 335 30.67 0.45 -5.73
N SER A 336 31.61 1.18 -6.35
CA SER A 336 31.40 2.62 -6.43
C SER A 336 30.41 2.88 -7.56
N GLN A 337 29.75 4.04 -7.61
CA GLN A 337 28.94 4.41 -8.73
C GLN A 337 29.67 4.40 -10.09
N GLN A 338 30.96 4.88 -10.09
CA GLN A 338 31.72 4.82 -11.36
C GLN A 338 31.73 3.41 -11.91
N LYS A 339 32.02 2.39 -11.11
CA LYS A 339 32.04 1.02 -11.56
C LYS A 339 30.67 0.50 -12.01
N ARG A 340 29.62 0.87 -11.28
CA ARG A 340 28.25 0.64 -11.72
C ARG A 340 28.01 1.27 -13.07
N ASN A 341 28.46 2.49 -13.33
CA ASN A 341 28.28 3.09 -14.64
C ASN A 341 28.98 2.30 -15.72
N GLU A 342 30.23 1.85 -15.48
CA GLU A 342 30.96 1.13 -16.51
C GLU A 342 30.30 -0.19 -16.88
N GLU A 343 29.76 -0.91 -15.88
CA GLU A 343 29.08 -2.18 -16.15
C GLU A 343 27.78 -1.91 -16.90
N ALA A 344 27.04 -0.88 -16.53
CA ALA A 344 25.80 -0.43 -17.12
C ALA A 344 25.99 -0.09 -18.59
N LYS A 345 27.01 0.73 -18.89
CA LYS A 345 27.36 1.05 -20.26
C LYS A 345 27.69 -0.19 -21.07
N LYS A 346 28.46 -1.15 -20.56
CA LYS A 346 28.79 -2.38 -21.28
C LYS A 346 27.54 -3.18 -21.58
N LEU A 347 26.69 -3.28 -20.53
CA LEU A 347 25.45 -4.06 -20.72
C LEU A 347 24.59 -3.46 -21.81
N LEU A 348 24.41 -2.15 -21.90
CA LEU A 348 23.59 -1.61 -22.97
C LEU A 348 24.28 -1.74 -24.34
N ALA A 349 25.59 -1.67 -24.42
CA ALA A 349 26.30 -1.87 -25.68
C ALA A 349 26.05 -3.28 -26.20
N GLU A 350 26.09 -4.21 -25.23
CA GLU A 350 25.82 -5.58 -25.57
C GLU A 350 24.41 -5.75 -26.12
N ALA A 351 23.46 -4.95 -25.63
CA ALA A 351 22.07 -4.98 -26.08
C ALA A 351 21.97 -4.15 -27.36
N GLY A 352 23.05 -3.50 -27.79
CA GLY A 352 23.04 -2.87 -29.09
C GLY A 352 22.70 -1.41 -29.14
N PHE A 353 22.83 -0.67 -28.03
CA PHE A 353 22.42 0.73 -28.08
C PHE A 353 23.61 1.66 -28.29
N THR A 354 23.51 2.67 -29.17
CA THR A 354 24.72 3.48 -29.33
C THR A 354 24.63 4.82 -28.60
N ALA A 355 25.74 5.56 -28.68
CA ALA A 355 25.78 6.90 -28.13
C ALA A 355 25.04 7.76 -29.16
N ASP A 356 25.09 7.32 -30.44
CA ASP A 356 24.41 8.07 -31.49
C ASP A 356 23.00 7.58 -31.78
N LYS A 357 22.67 6.40 -31.28
CA LYS A 357 21.34 5.77 -31.38
C LYS A 357 21.11 5.19 -29.98
N PRO A 358 20.85 6.10 -29.08
CA PRO A 358 20.70 5.77 -27.66
C PRO A 358 19.37 5.10 -27.40
N LEU A 359 19.26 4.52 -26.21
CA LEU A 359 17.99 3.97 -25.76
C LEU A 359 17.18 5.21 -25.29
N THR A 360 15.98 5.34 -25.80
CA THR A 360 15.04 6.39 -25.46
C THR A 360 13.71 5.77 -25.01
N PHE A 361 13.04 6.35 -24.02
CA PHE A 361 11.77 5.76 -23.57
C PHE A 361 11.04 6.70 -22.64
N ASP A 362 9.76 6.40 -22.29
CA ASP A 362 9.03 7.30 -21.39
C ASP A 362 9.28 6.94 -19.95
N LEU A 363 9.34 7.99 -19.12
CA LEU A 363 9.47 7.79 -17.67
C LEU A 363 8.21 8.46 -17.12
N LEU A 364 7.30 7.60 -16.66
CA LEU A 364 6.01 8.09 -16.22
C LEU A 364 5.93 8.27 -14.71
N TYR A 365 5.24 9.30 -14.26
CA TYR A 365 5.00 9.49 -12.82
C TYR A 365 3.63 10.03 -12.61
N ASN A 366 3.11 9.85 -11.38
CA ASN A 366 1.80 10.35 -10.98
C ASN A 366 2.04 11.82 -10.57
N THR A 367 1.18 12.68 -11.10
CA THR A 367 1.32 14.13 -10.81
C THR A 367 1.66 14.45 -9.36
N SER A 368 2.73 15.22 -9.19
CA SER A 368 3.28 15.52 -7.87
C SER A 368 4.55 16.32 -7.98
N ASP A 369 4.71 17.34 -7.13
CA ASP A 369 5.95 18.13 -7.12
C ASP A 369 7.12 17.21 -6.72
N LEU A 370 6.94 16.32 -5.73
CA LEU A 370 7.96 15.41 -5.31
C LEU A 370 8.41 14.47 -6.42
N HIS A 371 7.45 13.73 -7.04
CA HIS A 371 7.80 12.75 -8.04
C HIS A 371 8.40 13.42 -9.30
N LYS A 372 7.90 14.59 -9.68
CA LYS A 372 8.40 15.34 -10.83
C LYS A 372 9.86 15.71 -10.65
N LYS A 373 10.16 16.27 -9.48
CA LYS A 373 11.52 16.61 -9.13
C LYS A 373 12.45 15.41 -9.12
N LEU A 374 11.98 14.29 -8.53
CA LEU A 374 12.85 13.10 -8.55
C LEU A 374 13.01 12.61 -9.99
N ALA A 375 11.91 12.67 -10.77
CA ALA A 375 12.07 12.08 -12.12
C ALA A 375 12.92 12.96 -13.01
N ILE A 376 12.93 14.27 -12.79
CA ILE A 376 13.82 15.18 -13.54
C ILE A 376 15.25 14.84 -13.16
N ALA A 377 15.51 14.63 -11.86
CA ALA A 377 16.85 14.26 -11.45
C ALA A 377 17.28 12.89 -12.01
N VAL A 378 16.40 11.91 -12.07
CA VAL A 378 16.71 10.56 -12.53
C VAL A 378 17.02 10.56 -14.01
N ALA A 379 16.24 11.28 -14.77
CA ALA A 379 16.45 11.43 -16.21
C ALA A 379 17.84 12.07 -16.45
N SER A 380 18.18 13.05 -15.65
CA SER A 380 19.52 13.66 -15.87
C SER A 380 20.65 12.75 -15.49
N ILE A 381 20.46 11.99 -14.38
CA ILE A 381 21.49 11.05 -13.98
C ILE A 381 21.65 9.98 -15.06
N TRP A 382 20.51 9.44 -15.52
CA TRP A 382 20.62 8.39 -16.54
C TRP A 382 21.23 8.91 -17.84
N LYS A 383 20.91 10.14 -18.21
CA LYS A 383 21.47 10.73 -19.44
C LYS A 383 22.98 10.79 -19.25
N LYS A 384 23.40 11.50 -18.22
CA LYS A 384 24.81 11.61 -17.86
C LYS A 384 25.54 10.31 -17.62
N ASN A 385 25.02 9.27 -16.98
CA ASN A 385 25.81 8.10 -16.61
C ASN A 385 25.78 6.92 -17.59
N LEU A 386 24.75 7.01 -18.45
CA LEU A 386 24.50 5.91 -19.37
C LEU A 386 24.19 6.33 -20.78
N GLY A 387 23.86 7.58 -21.04
CA GLY A 387 23.50 8.09 -22.34
C GLY A 387 22.08 7.75 -22.75
N VAL A 388 21.16 7.54 -21.81
CA VAL A 388 19.80 7.25 -22.21
C VAL A 388 19.01 8.56 -22.30
N ASN A 389 18.06 8.66 -23.19
CA ASN A 389 17.28 9.90 -23.28
C ASN A 389 15.88 9.53 -22.80
N VAL A 390 15.41 10.24 -21.79
CA VAL A 390 14.07 9.81 -21.27
C VAL A 390 13.00 10.81 -21.57
N ASN A 391 11.76 10.45 -21.84
CA ASN A 391 10.75 11.52 -21.99
C ASN A 391 9.79 11.41 -20.81
N LEU A 392 9.71 12.47 -20.01
CA LEU A 392 8.82 12.50 -18.85
C LEU A 392 7.35 12.65 -19.21
N GLU A 393 6.49 11.87 -18.58
CA GLU A 393 5.04 11.95 -18.74
C GLU A 393 4.44 11.90 -17.34
N ASN A 394 3.31 12.57 -17.15
CA ASN A 394 2.69 12.54 -15.81
C ASN A 394 1.23 12.18 -15.98
N GLN A 395 0.61 11.46 -15.07
CA GLN A 395 -0.82 11.12 -15.22
C GLN A 395 -1.41 11.33 -13.82
N GLU A 396 -2.71 11.54 -13.80
CA GLU A 396 -3.36 11.73 -12.48
C GLU A 396 -3.41 10.37 -11.79
N TRP A 397 -3.39 10.35 -10.44
CA TRP A 397 -3.34 9.07 -9.71
C TRP A 397 -4.12 7.90 -10.30
N LYS A 398 -5.42 8.01 -10.43
CA LYS A 398 -6.27 6.88 -10.89
C LYS A 398 -5.89 6.37 -12.29
N THR A 399 -5.56 7.32 -13.16
CA THR A 399 -5.20 7.03 -14.53
C THR A 399 -3.86 6.30 -14.52
N PHE A 400 -2.92 6.78 -13.76
CA PHE A 400 -1.60 6.26 -13.57
C PHE A 400 -1.65 4.77 -13.12
N LEU A 401 -2.53 4.43 -12.18
CA LEU A 401 -2.59 3.06 -11.72
C LEU A 401 -3.17 2.13 -12.81
N ASP A 402 -4.15 2.65 -13.55
CA ASP A 402 -4.69 1.91 -14.66
C ASP A 402 -3.64 1.74 -15.75
N THR A 403 -2.88 2.75 -16.18
CA THR A 403 -1.79 2.52 -17.11
C THR A 403 -0.86 1.38 -16.69
N ARG A 404 -0.39 1.37 -15.43
CA ARG A 404 0.54 0.34 -14.94
C ARG A 404 -0.03 -1.05 -15.05
N HIS A 405 -1.32 -1.21 -14.66
CA HIS A 405 -1.94 -2.53 -14.79
C HIS A 405 -2.10 -2.98 -16.24
N GLN A 406 -2.42 -2.06 -17.14
CA GLN A 406 -2.59 -2.33 -18.56
C GLN A 406 -1.28 -2.50 -19.29
N GLY A 407 -0.15 -2.06 -18.73
CA GLY A 407 1.12 -2.23 -19.44
C GLY A 407 1.28 -1.16 -20.51
N THR A 408 0.63 0.00 -20.38
CA THR A 408 0.73 1.03 -21.42
C THR A 408 1.85 2.02 -21.10
N PHE A 409 3.02 1.51 -20.74
CA PHE A 409 4.17 2.30 -20.33
C PHE A 409 5.49 1.61 -20.56
N ASP A 410 6.51 2.45 -20.34
CA ASP A 410 7.87 1.91 -20.42
C ASP A 410 8.47 1.69 -19.05
N VAL A 411 8.69 2.80 -18.35
CA VAL A 411 9.19 2.87 -16.99
C VAL A 411 8.32 3.87 -16.21
N ALA A 412 7.93 3.51 -15.02
CA ALA A 412 7.07 4.23 -14.12
C ALA A 412 7.70 4.31 -12.69
N ARG A 413 7.47 5.49 -12.13
CA ARG A 413 7.80 5.74 -10.73
C ARG A 413 6.82 4.89 -9.93
N ALA A 414 7.32 4.33 -8.82
CA ALA A 414 6.46 3.43 -8.06
C ALA A 414 6.84 3.39 -6.60
N GLY A 415 5.86 3.02 -5.79
CA GLY A 415 5.97 2.85 -4.38
C GLY A 415 5.09 1.72 -3.87
N TRP A 416 5.66 0.74 -3.15
CA TRP A 416 4.87 -0.31 -2.54
C TRP A 416 5.03 -0.23 -1.02
N CYS A 417 3.94 -0.18 -0.24
CA CYS A 417 3.97 -0.15 1.18
C CYS A 417 3.32 -1.48 1.65
N ALA A 418 3.88 -2.03 2.70
CA ALA A 418 3.46 -3.34 3.15
C ALA A 418 1.97 -3.34 3.52
N ASP A 419 1.27 -4.46 3.35
CA ASP A 419 -0.14 -4.56 3.78
C ASP A 419 -0.18 -5.32 5.08
N TYR A 420 0.87 -6.10 5.34
CA TYR A 420 1.11 -6.76 6.62
C TYR A 420 2.60 -6.79 6.84
N ASN A 421 3.12 -6.89 8.07
CA ASN A 421 4.56 -6.82 8.32
C ASN A 421 5.21 -8.20 8.25
N GLU A 422 5.53 -8.59 7.01
CA GLU A 422 6.11 -9.93 6.72
C GLU A 422 6.48 -9.86 5.26
N PRO A 423 7.61 -10.40 4.86
CA PRO A 423 8.15 -10.28 3.54
C PRO A 423 7.23 -10.67 2.37
N THR A 424 6.33 -11.63 2.51
CA THR A 424 5.47 -12.02 1.37
C THR A 424 4.51 -10.88 1.08
N SER A 425 4.35 -9.87 1.94
CA SER A 425 3.55 -8.72 1.62
C SER A 425 4.12 -7.96 0.42
N PHE A 426 5.41 -7.99 0.24
CA PHE A 426 6.10 -7.40 -0.93
C PHE A 426 6.30 -8.52 -1.97
N LEU A 427 6.87 -9.67 -1.56
CA LEU A 427 7.23 -10.68 -2.49
C LEU A 427 6.02 -11.29 -3.24
N ASN A 428 4.85 -11.38 -2.64
CA ASN A 428 3.74 -11.95 -3.40
C ASN A 428 3.29 -11.11 -4.57
N THR A 429 3.67 -9.81 -4.63
CA THR A 429 3.25 -8.92 -5.72
C THR A 429 4.03 -9.16 -6.99
N MET A 430 5.15 -9.93 -6.89
CA MET A 430 5.94 -10.21 -8.08
C MET A 430 5.64 -11.63 -8.61
N LEU A 431 4.74 -12.41 -8.06
CA LEU A 431 4.28 -13.68 -8.52
C LEU A 431 3.63 -13.49 -9.92
N SER A 432 3.90 -14.44 -10.81
CA SER A 432 3.44 -14.38 -12.20
C SER A 432 2.00 -14.08 -12.30
N ASP A 433 1.11 -14.69 -11.54
CA ASP A 433 -0.32 -14.47 -11.65
C ASP A 433 -0.88 -13.50 -10.63
N SER A 434 -0.01 -12.75 -9.96
CA SER A 434 -0.62 -11.79 -8.98
C SER A 434 -1.31 -10.62 -9.62
N SER A 435 -2.48 -10.26 -9.10
CA SER A 435 -3.25 -9.12 -9.56
C SER A 435 -2.54 -7.80 -9.23
N ASN A 436 -1.56 -7.80 -8.31
CA ASN A 436 -0.80 -6.56 -8.01
C ASN A 436 0.51 -6.50 -8.78
N ASN A 437 0.73 -7.43 -9.72
CA ASN A 437 2.00 -7.41 -10.44
C ASN A 437 1.98 -6.44 -11.63
N THR A 438 2.29 -5.18 -11.33
CA THR A 438 2.33 -4.14 -12.39
C THR A 438 3.71 -4.04 -12.98
N ALA A 439 4.66 -4.80 -12.41
CA ALA A 439 5.93 -4.97 -13.06
C ALA A 439 5.71 -5.83 -14.32
N HIS A 440 4.62 -6.59 -14.44
CA HIS A 440 4.44 -7.59 -15.51
C HIS A 440 5.62 -8.56 -15.54
N TYR A 441 6.15 -8.95 -14.35
CA TYR A 441 7.31 -9.85 -14.31
C TYR A 441 6.80 -11.27 -14.11
N LYS A 442 7.35 -12.24 -14.84
CA LYS A 442 6.94 -13.61 -14.71
C LYS A 442 8.13 -14.54 -14.63
N SER A 443 8.43 -15.06 -13.44
CA SER A 443 9.59 -15.94 -13.27
C SER A 443 9.12 -17.17 -12.50
N PRO A 444 9.08 -18.29 -13.18
CA PRO A 444 8.75 -19.57 -12.62
C PRO A 444 9.68 -19.88 -11.46
N ALA A 445 10.95 -19.55 -11.61
CA ALA A 445 11.89 -19.76 -10.50
C ALA A 445 11.50 -18.90 -9.29
N PHE A 446 11.04 -17.65 -9.48
CA PHE A 446 10.67 -16.81 -8.32
C PHE A 446 9.39 -17.36 -7.72
N ASP A 447 8.45 -17.75 -8.63
CA ASP A 447 7.16 -18.26 -8.10
C ASP A 447 7.38 -19.48 -7.19
N LYS A 448 8.29 -20.34 -7.62
CA LYS A 448 8.54 -21.55 -6.84
C LYS A 448 9.15 -21.19 -5.47
N LEU A 449 10.11 -20.28 -5.46
CA LEU A 449 10.74 -19.91 -4.21
C LEU A 449 9.67 -19.47 -3.19
N ILE A 450 8.76 -18.61 -3.58
CA ILE A 450 7.71 -18.12 -2.75
C ILE A 450 6.73 -19.24 -2.34
N ALA A 451 6.40 -20.11 -3.30
CA ALA A 451 5.50 -21.23 -3.02
C ALA A 451 6.10 -22.23 -2.00
N ASP A 452 7.43 -22.34 -2.09
CA ASP A 452 8.09 -23.22 -1.10
C ASP A 452 8.10 -22.63 0.30
N THR A 453 7.78 -21.34 0.47
CA THR A 453 7.83 -20.75 1.80
C THR A 453 6.68 -21.24 2.67
N LEU A 454 5.63 -21.77 2.06
CA LEU A 454 4.47 -22.27 2.75
C LEU A 454 4.54 -23.79 2.89
N LYS A 455 5.65 -24.33 2.42
CA LYS A 455 5.80 -25.77 2.46
C LYS A 455 6.95 -26.15 3.38
N VAL A 456 7.48 -25.29 4.21
CA VAL A 456 8.65 -25.71 4.98
C VAL A 456 8.42 -25.75 6.47
N ALA A 457 9.31 -26.42 7.18
CA ALA A 457 9.07 -26.55 8.63
C ALA A 457 9.27 -25.24 9.40
N ASP A 458 10.51 -24.79 9.40
CA ASP A 458 10.99 -23.68 10.18
C ASP A 458 11.18 -22.32 9.54
N ASP A 459 11.16 -21.32 10.42
CA ASP A 459 11.33 -19.92 10.08
C ASP A 459 12.69 -19.61 9.48
N THR A 460 13.70 -20.37 9.86
CA THR A 460 15.04 -20.20 9.37
C THR A 460 15.03 -20.43 7.86
N GLN A 461 14.39 -21.54 7.50
CA GLN A 461 14.25 -21.90 6.12
C GLN A 461 13.38 -20.91 5.36
N ARG A 462 12.30 -20.43 5.98
CA ARG A 462 11.48 -19.46 5.30
C ARG A 462 12.28 -18.19 5.01
N SER A 463 12.98 -17.71 6.00
CA SER A 463 13.81 -16.52 5.91
C SER A 463 14.86 -16.64 4.80
N GLU A 464 15.60 -17.75 4.71
CA GLU A 464 16.49 -18.00 3.61
C GLU A 464 15.80 -18.02 2.23
N LEU A 465 14.55 -18.55 2.19
CA LEU A 465 13.86 -18.53 0.87
C LEU A 465 13.48 -17.12 0.45
N TYR A 466 13.02 -16.30 1.40
CA TYR A 466 12.72 -14.90 1.12
C TYR A 466 14.00 -14.18 0.64
N ALA A 467 15.17 -14.51 1.19
CA ALA A 467 16.43 -13.91 0.72
C ALA A 467 16.75 -14.41 -0.69
N LYS A 468 16.52 -15.71 -0.92
CA LYS A 468 16.75 -16.18 -2.32
C LYS A 468 15.79 -15.57 -3.32
N ALA A 469 14.54 -15.30 -2.88
CA ALA A 469 13.53 -14.73 -3.82
C ALA A 469 13.92 -13.29 -4.15
N GLU A 470 14.43 -12.57 -3.10
CA GLU A 470 14.93 -11.23 -3.39
C GLU A 470 16.14 -11.34 -4.33
N GLN A 471 17.00 -12.31 -4.18
CA GLN A 471 18.14 -12.44 -5.10
C GLN A 471 17.74 -12.77 -6.54
N GLN A 472 16.71 -13.58 -6.70
CA GLN A 472 16.26 -13.94 -8.08
C GLN A 472 15.67 -12.72 -8.82
N LEU A 473 14.92 -11.93 -8.04
CA LEU A 473 14.31 -10.70 -8.53
C LEU A 473 15.37 -9.70 -8.93
N ASP A 474 16.44 -9.60 -8.13
CA ASP A 474 17.57 -8.68 -8.41
C ASP A 474 18.41 -9.16 -9.61
N LYS A 475 18.57 -10.45 -9.72
CA LYS A 475 19.33 -11.10 -10.84
C LYS A 475 18.58 -10.87 -12.16
N ASP A 476 17.26 -10.89 -12.07
CA ASP A 476 16.41 -10.58 -13.23
C ASP A 476 16.25 -9.07 -13.40
N SER A 477 16.75 -8.26 -12.45
CA SER A 477 16.53 -6.81 -12.47
C SER A 477 15.06 -6.50 -12.83
N ALA A 478 14.10 -7.07 -12.09
CA ALA A 478 12.70 -6.79 -12.39
C ALA A 478 12.39 -5.33 -12.18
N ILE A 479 13.05 -4.67 -11.21
CA ILE A 479 12.83 -3.29 -10.92
C ILE A 479 14.18 -2.57 -10.68
N VAL A 480 14.04 -1.27 -10.51
CA VAL A 480 15.13 -0.41 -10.06
C VAL A 480 14.87 0.13 -8.65
N PRO A 481 15.29 -0.54 -7.60
CA PRO A 481 15.12 -0.05 -6.23
C PRO A 481 15.84 1.30 -6.10
N VAL A 482 15.20 2.25 -5.45
CA VAL A 482 15.79 3.58 -5.23
C VAL A 482 16.01 3.86 -3.75
N TYR A 483 14.88 3.90 -2.97
CA TYR A 483 15.09 4.09 -1.53
C TYR A 483 13.99 3.46 -0.69
N TYR A 484 14.34 3.19 0.58
CA TYR A 484 13.33 2.77 1.54
C TYR A 484 12.74 4.07 2.12
N TYR A 485 11.42 4.20 2.12
CA TYR A 485 10.82 5.48 2.63
C TYR A 485 10.90 5.63 4.16
N VAL A 486 10.91 6.89 4.59
CA VAL A 486 10.63 7.33 5.94
C VAL A 486 9.18 7.78 5.85
N ASN A 487 8.43 7.71 6.93
CA ASN A 487 7.06 8.23 6.96
C ASN A 487 7.18 9.69 7.47
N ALA A 488 7.13 10.65 6.56
CA ALA A 488 7.30 12.05 6.95
C ALA A 488 6.07 12.86 6.63
N ARG A 489 5.54 13.52 7.67
CA ARG A 489 4.34 14.31 7.51
C ARG A 489 4.27 15.38 8.64
N LEU A 490 3.51 16.43 8.40
CA LEU A 490 3.25 17.47 9.40
C LEU A 490 1.95 17.20 10.14
N VAL A 491 1.97 17.12 11.46
CA VAL A 491 0.85 16.95 12.35
C VAL A 491 0.77 18.11 13.35
N LYS A 492 -0.24 18.97 13.32
CA LYS A 492 -0.40 20.08 14.26
C LYS A 492 -0.31 19.51 15.68
N PRO A 493 0.01 20.40 16.63
CA PRO A 493 0.22 20.03 18.02
C PRO A 493 -1.07 19.63 18.70
N TRP A 494 -2.23 20.03 18.16
CA TRP A 494 -3.47 19.62 18.84
C TRP A 494 -3.97 18.25 18.39
N VAL A 495 -3.29 17.61 17.42
CA VAL A 495 -3.72 16.27 17.00
C VAL A 495 -3.11 15.24 17.96
N GLY A 496 -3.93 14.56 18.76
CA GLY A 496 -3.38 13.53 19.66
C GLY A 496 -3.66 12.13 19.09
N GLY A 497 -3.01 11.10 19.62
CA GLY A 497 -3.19 9.74 19.15
C GLY A 497 -2.32 9.32 17.97
N TYR A 498 -1.74 10.20 17.18
CA TYR A 498 -0.86 9.82 16.08
C TYR A 498 0.54 9.56 16.65
N THR A 499 0.81 8.30 17.02
CA THR A 499 2.12 8.03 17.62
C THR A 499 3.25 8.00 16.62
N GLY A 500 3.05 7.53 15.38
CA GLY A 500 4.14 7.41 14.41
C GLY A 500 4.89 6.09 14.66
N LYS A 501 4.44 5.24 15.61
CA LYS A 501 5.07 3.98 15.88
C LYS A 501 4.57 2.82 15.00
N ASP A 502 3.52 2.98 14.22
CA ASP A 502 3.06 1.87 13.38
C ASP A 502 3.81 1.96 12.04
N PRO A 503 4.74 1.07 11.79
CA PRO A 503 5.54 1.09 10.56
C PRO A 503 4.72 0.83 9.30
N LEU A 504 3.44 0.44 9.34
CA LEU A 504 2.57 0.38 8.19
C LEU A 504 1.76 1.65 8.05
N ASP A 505 1.83 2.58 9.01
CA ASP A 505 0.98 3.78 8.97
C ASP A 505 -0.51 3.46 8.87
N ASN A 506 -1.08 2.45 9.52
CA ASN A 506 -2.51 2.14 9.39
C ASN A 506 -3.33 2.98 10.37
N ILE A 507 -3.44 4.28 10.04
CA ILE A 507 -4.07 5.23 10.95
C ILE A 507 -5.58 5.08 10.96
N TYR A 508 -6.22 5.08 12.14
CA TYR A 508 -7.69 5.05 12.15
C TYR A 508 -8.11 6.40 12.79
N VAL A 509 -8.97 7.15 12.14
CA VAL A 509 -9.38 8.45 12.74
C VAL A 509 -10.12 8.34 14.06
N LYS A 510 -10.72 7.20 14.30
CA LYS A 510 -11.38 6.91 15.59
C LYS A 510 -10.33 6.84 16.70
N ASN A 511 -9.05 6.78 16.36
CA ASN A 511 -8.13 6.65 17.47
C ASN A 511 -7.51 8.00 17.79
N LEU A 512 -7.87 9.04 17.07
CA LEU A 512 -7.22 10.34 17.23
C LEU A 512 -8.16 11.24 18.06
N TYR A 513 -7.71 12.42 18.45
CA TYR A 513 -8.57 13.31 19.28
C TYR A 513 -7.96 14.69 19.21
N ILE A 514 -8.80 15.72 19.29
CA ILE A 514 -8.34 17.09 19.27
C ILE A 514 -8.12 17.60 20.71
N ILE A 515 -6.87 17.95 20.98
CA ILE A 515 -6.50 18.53 22.27
C ILE A 515 -6.95 19.98 22.29
N LYS A 516 -7.48 20.45 23.42
CA LYS A 516 -7.96 21.83 23.55
C LYS A 516 -6.81 22.77 23.27
N HIS A 517 -6.94 23.78 22.41
CA HIS A 517 -5.85 24.69 22.10
C HIS A 517 -6.40 26.06 21.72
N LYS B 1 0.10 -2.14 -0.70
CA LYS B 1 -0.71 -1.03 -1.27
C LYS B 1 0.24 -0.05 -1.95
N NLE B 2 -0.31 0.53 -3.04
CA NLE B 2 0.47 1.41 -3.90
C NLE B 2 0.60 2.81 -3.27
O NLE B 2 -0.40 3.37 -2.81
CB NLE B 2 -0.20 1.47 -5.25
CG NLE B 2 -0.03 0.27 -6.20
CD NLE B 2 -0.58 0.73 -7.59
CE NLE B 2 0.15 0.07 -8.77
N LYS B 3 1.80 3.36 -3.32
CA LYS B 3 1.99 4.67 -2.78
C LYS B 3 2.47 5.59 -3.93
U U1 C . 7.43 4.69 -25.26
U U1 D . 27.50 -2.80 2.13
#